data_5W0F
#
_entry.id   5W0F
#
_cell.length_a   35.195
_cell.length_b   48.256
_cell.length_c   80.502
_cell.angle_alpha   90.000
_cell.angle_beta   90.000
_cell.angle_gamma   90.000
#
_symmetry.space_group_name_H-M   'P 21 21 21'
#
loop_
_entity.id
_entity.type
_entity.pdbx_description
1 polymer 'CREB-binding protein'
2 non-polymer 1-{3-[6-(1-methyl-1H-pyrazol-4-yl)-3,4-dihydroquinolin-1(2H)-yl]-1-[(3S)-oxolan-3-yl]-1,4,6,7-tetrahydro-5H-pyrazolo[4,3-c]pyridin-5-yl}ethan-1-one
3 water water
#
_entity_poly.entity_id   1
_entity_poly.type   'polypeptide(L)'
_entity_poly.pdbx_seq_one_letter_code
;MHHHHHHGSLVPRGSMDYKDDDDKENLYFQGSKKIFKPEELRQALMPTLEALYRQDPESLPFRQPVDPQLLGIPDYFDIV
KNPMDLSTIKRKLDTGQYQEPWQYVDDVWLMFNNAWLYNRKTSRVYKFCSKLAEVFEQEIDPVMQSLG
;
_entity_poly.pdbx_strand_id   A
#
loop_
_chem_comp.id
_chem_comp.type
_chem_comp.name
_chem_comp.formula
9U7 non-polymer 1-{3-[6-(1-methyl-1H-pyrazol-4-yl)-3,4-dihydroquinolin-1(2H)-yl]-1-[(3S)-oxolan-3-yl]-1,4,6,7-tetrahydro-5H-pyrazolo[4,3-c]pyridin-5-yl}ethan-1-one 'C25 H30 N6 O2'
#
# COMPACT_ATOMS: atom_id res chain seq x y z
N LYS A 34 18.29 -13.14 -6.67
CA LYS A 34 18.35 -13.25 -8.13
C LYS A 34 17.93 -11.95 -8.80
N ILE A 35 17.80 -11.99 -10.13
CA ILE A 35 17.45 -10.84 -10.94
C ILE A 35 16.00 -10.98 -11.40
N PHE A 36 15.21 -9.93 -11.25
CA PHE A 36 13.81 -9.92 -11.65
C PHE A 36 13.60 -8.96 -12.81
N LYS A 37 12.93 -9.44 -13.85
CA LYS A 37 12.57 -8.58 -14.98
C LYS A 37 11.36 -7.72 -14.60
N PRO A 38 11.27 -6.52 -15.18
CA PRO A 38 10.16 -5.63 -14.80
C PRO A 38 8.79 -6.23 -15.04
N GLU A 39 8.59 -6.89 -16.19
CA GLU A 39 7.27 -7.44 -16.48
C GLU A 39 6.97 -8.68 -15.64
N GLU A 40 8.01 -9.42 -15.26
CA GLU A 40 7.83 -10.53 -14.32
C GLU A 40 7.31 -10.02 -12.98
N LEU A 41 7.92 -8.95 -12.46
CA LEU A 41 7.43 -8.34 -11.22
C LEU A 41 6.01 -7.80 -11.40
N ARG A 42 5.75 -7.13 -12.53
CA ARG A 42 4.43 -6.54 -12.71
C ARG A 42 3.35 -7.62 -12.80
N GLN A 43 3.60 -8.67 -13.58
CA GLN A 43 2.60 -9.73 -13.73
C GLN A 43 2.32 -10.42 -12.40
N ALA A 44 3.36 -10.60 -11.59
CA ALA A 44 3.17 -11.28 -10.30
C ALA A 44 2.53 -10.38 -9.26
N LEU A 45 2.95 -9.12 -9.17
CA LEU A 45 2.57 -8.27 -8.06
C LEU A 45 1.34 -7.42 -8.32
N MET A 46 1.08 -7.03 -9.57
CA MET A 46 -0.09 -6.18 -9.82
C MET A 46 -1.39 -6.82 -9.36
N PRO A 47 -1.62 -8.13 -9.52
CA PRO A 47 -2.85 -8.72 -8.96
C PRO A 47 -3.00 -8.53 -7.46
N THR A 48 -1.89 -8.49 -6.71
CA THR A 48 -2.04 -8.29 -5.27
C THR A 48 -2.43 -6.86 -4.96
N LEU A 49 -1.97 -5.90 -5.78
CA LEU A 49 -2.42 -4.53 -5.63
C LEU A 49 -3.87 -4.38 -6.04
N GLU A 50 -4.28 -5.05 -7.13
CA GLU A 50 -5.68 -5.02 -7.53
C GLU A 50 -6.57 -5.61 -6.44
N ALA A 51 -6.07 -6.59 -5.68
CA ALA A 51 -6.86 -7.16 -4.59
C ALA A 51 -7.13 -6.13 -3.51
N LEU A 52 -6.18 -5.23 -3.24
CA LEU A 52 -6.42 -4.14 -2.30
C LEU A 52 -7.43 -3.14 -2.84
N TYR A 53 -7.30 -2.73 -4.11
CA TYR A 53 -8.26 -1.80 -4.69
C TYR A 53 -9.67 -2.37 -4.67
N ARG A 54 -9.81 -3.69 -4.79
CA ARG A 54 -11.14 -4.28 -4.84
C ARG A 54 -11.86 -4.22 -3.49
N GLN A 55 -11.13 -3.97 -2.41
CA GLN A 55 -11.77 -3.81 -1.10
C GLN A 55 -12.45 -2.45 -1.05
N ASP A 56 -13.76 -2.46 -0.90
CA ASP A 56 -14.57 -1.26 -0.92
C ASP A 56 -15.57 -1.41 0.21
N PRO A 57 -15.60 -0.51 1.20
CA PRO A 57 -14.96 0.81 1.30
C PRO A 57 -13.51 0.83 1.78
N GLU A 58 -12.92 -0.32 2.12
CA GLU A 58 -11.71 -0.28 2.92
C GLU A 58 -10.52 0.33 2.18
N SER A 59 -10.46 0.23 0.85
CA SER A 59 -9.33 0.84 0.16
C SER A 59 -9.52 2.33 -0.07
N LEU A 60 -10.72 2.87 0.10
CA LEU A 60 -10.95 4.24 -0.33
C LEU A 60 -10.03 5.27 0.34
N PRO A 61 -9.68 5.16 1.63
CA PRO A 61 -8.78 6.17 2.22
C PRO A 61 -7.37 6.10 1.70
N PHE A 62 -7.02 5.04 0.96
CA PHE A 62 -5.65 4.77 0.53
C PHE A 62 -5.44 4.92 -0.96
N ARG A 63 -6.45 5.31 -1.73
CA ARG A 63 -6.29 5.32 -3.18
C ARG A 63 -5.49 6.50 -3.69
N GLN A 64 -5.44 7.59 -2.96
CA GLN A 64 -4.70 8.78 -3.38
C GLN A 64 -3.82 9.24 -2.24
N PRO A 65 -2.76 10.01 -2.53
CA PRO A 65 -1.93 10.52 -1.44
C PRO A 65 -2.77 11.31 -0.45
N VAL A 66 -2.46 11.15 0.85
CA VAL A 66 -3.11 11.97 1.87
C VAL A 66 -2.86 13.44 1.56
N ASP A 67 -3.95 14.21 1.54
CA ASP A 67 -3.91 15.66 1.31
C ASP A 67 -4.32 16.33 2.61
N PRO A 68 -3.38 16.65 3.49
CA PRO A 68 -3.75 17.15 4.83
C PRO A 68 -4.57 18.43 4.79
N GLN A 69 -4.28 19.34 3.85
CA GLN A 69 -5.05 20.58 3.82
C GLN A 69 -6.51 20.33 3.43
N LEU A 70 -6.72 19.46 2.44
CA LEU A 70 -8.08 19.16 2.00
C LEU A 70 -8.87 18.44 3.08
N LEU A 71 -8.20 17.56 3.82
CA LEU A 71 -8.86 16.74 4.83
C LEU A 71 -9.01 17.42 6.18
N GLY A 72 -8.41 18.59 6.38
CA GLY A 72 -8.51 19.27 7.65
C GLY A 72 -7.63 18.72 8.73
N ILE A 73 -6.53 18.05 8.37
CA ILE A 73 -5.64 17.43 9.34
C ILE A 73 -4.22 17.95 9.13
N PRO A 74 -3.97 19.23 9.41
CA PRO A 74 -2.63 19.80 9.10
C PRO A 74 -1.49 19.19 9.90
N ASP A 75 -1.75 18.40 10.95
CA ASP A 75 -0.65 17.77 11.66
C ASP A 75 -0.13 16.50 10.99
N TYR A 76 -0.71 16.10 9.86
CA TYR A 76 -0.38 14.80 9.27
C TYR A 76 1.11 14.66 8.98
N PHE A 77 1.71 15.65 8.29
CA PHE A 77 3.11 15.50 7.92
C PHE A 77 4.05 15.71 9.10
N ASP A 78 3.56 16.21 10.23
CA ASP A 78 4.37 16.24 11.44
C ASP A 78 4.54 14.84 12.00
N ILE A 79 3.59 13.96 11.75
CA ILE A 79 3.58 12.62 12.32
C ILE A 79 4.08 11.58 11.33
N VAL A 80 3.71 11.71 10.06
CA VAL A 80 4.03 10.76 9.00
C VAL A 80 5.12 11.36 8.14
N LYS A 81 6.34 10.85 8.27
CA LYS A 81 7.48 11.46 7.60
C LYS A 81 7.70 10.95 6.18
N ASN A 82 7.19 9.76 5.85
CA ASN A 82 7.37 9.14 4.54
C ASN A 82 6.02 8.62 4.04
N PRO A 83 5.20 9.50 3.46
CA PRO A 83 3.86 9.10 3.02
C PRO A 83 3.91 8.08 1.89
N MET A 84 2.88 7.23 1.83
CA MET A 84 2.75 6.23 0.79
C MET A 84 1.27 5.92 0.59
N ASP A 85 0.89 5.63 -0.65
CA ASP A 85 -0.51 5.27 -0.93
C ASP A 85 -0.56 4.35 -2.14
N LEU A 86 -1.77 3.83 -2.42
CA LEU A 86 -1.92 2.86 -3.51
C LEU A 86 -1.55 3.47 -4.86
N SER A 87 -1.93 4.72 -5.13
CA SER A 87 -1.64 5.29 -6.43
C SER A 87 -0.14 5.38 -6.66
N THR A 88 0.62 5.72 -5.62
CA THR A 88 2.07 5.82 -5.75
C THR A 88 2.70 4.46 -5.96
N ILE A 89 2.23 3.44 -5.23
CA ILE A 89 2.74 2.09 -5.42
C ILE A 89 2.44 1.60 -6.83
N LYS A 90 1.22 1.84 -7.31
CA LYS A 90 0.86 1.42 -8.67
C LYS A 90 1.79 2.06 -9.70
N ARG A 91 2.03 3.37 -9.57
N ARG A 91 2.03 3.37 -9.58
CA ARG A 91 2.91 4.06 -10.51
CA ARG A 91 2.91 4.06 -10.52
C ARG A 91 4.31 3.49 -10.46
C ARG A 91 4.32 3.49 -10.46
N LYS A 92 4.84 3.21 -9.26
CA LYS A 92 6.17 2.64 -9.16
C LYS A 92 6.24 1.25 -9.76
N LEU A 93 5.18 0.44 -9.59
CA LEU A 93 5.15 -0.86 -10.25
C LEU A 93 5.11 -0.70 -11.77
N ASP A 94 4.28 0.21 -12.26
CA ASP A 94 4.15 0.42 -13.70
C ASP A 94 5.40 1.02 -14.34
N THR A 95 6.24 1.71 -13.56
CA THR A 95 7.42 2.36 -14.11
C THR A 95 8.71 1.67 -13.71
N GLY A 96 8.62 0.43 -13.24
CA GLY A 96 9.81 -0.38 -13.00
C GLY A 96 10.71 0.11 -11.90
N GLN A 97 10.15 0.85 -10.93
N GLN A 97 10.16 0.84 -10.92
CA GLN A 97 10.95 1.36 -9.83
CA GLN A 97 10.97 1.36 -9.84
C GLN A 97 11.32 0.27 -8.83
C GLN A 97 11.20 0.34 -8.73
N TYR A 98 10.59 -0.84 -8.81
CA TYR A 98 10.90 -1.95 -7.92
C TYR A 98 11.80 -2.93 -8.64
N GLN A 99 12.96 -3.22 -8.06
CA GLN A 99 13.88 -4.20 -8.62
C GLN A 99 13.71 -5.57 -8.00
N GLU A 100 13.15 -5.64 -6.80
CA GLU A 100 12.97 -6.87 -6.03
C GLU A 100 11.58 -6.85 -5.41
N PRO A 101 10.94 -8.01 -5.27
CA PRO A 101 9.59 -8.02 -4.70
C PRO A 101 9.51 -7.40 -3.32
N TRP A 102 10.54 -7.57 -2.48
CA TRP A 102 10.43 -7.06 -1.13
C TRP A 102 10.41 -5.54 -1.09
N GLN A 103 10.91 -4.86 -2.13
CA GLN A 103 10.78 -3.40 -2.18
C GLN A 103 9.33 -2.97 -2.35
N TYR A 104 8.55 -3.72 -3.13
CA TYR A 104 7.11 -3.50 -3.23
C TYR A 104 6.41 -3.79 -1.92
N VAL A 105 6.73 -4.93 -1.30
CA VAL A 105 6.14 -5.26 0.00
C VAL A 105 6.44 -4.16 1.00
N ASP A 106 7.67 -3.63 0.99
CA ASP A 106 8.03 -2.59 1.95
C ASP A 106 7.18 -1.34 1.78
N ASP A 107 6.83 -1.00 0.53
CA ASP A 107 6.01 0.20 0.34
C ASP A 107 4.58 -0.03 0.80
N VAL A 108 4.03 -1.21 0.55
CA VAL A 108 2.69 -1.53 1.03
C VAL A 108 2.66 -1.46 2.54
N TRP A 109 3.69 -2.01 3.18
CA TRP A 109 3.74 -2.01 4.64
C TRP A 109 4.02 -0.61 5.20
N LEU A 110 4.75 0.22 4.46
CA LEU A 110 4.88 1.62 4.85
C LEU A 110 3.52 2.31 4.87
N MET A 111 2.69 2.03 3.86
CA MET A 111 1.36 2.60 3.85
C MET A 111 0.54 2.14 5.05
N PHE A 112 0.64 0.84 5.39
CA PHE A 112 -0.10 0.34 6.55
C PHE A 112 0.41 0.96 7.84
N ASN A 113 1.73 0.93 8.03
CA ASN A 113 2.28 1.42 9.29
C ASN A 113 1.99 2.90 9.47
N ASN A 114 2.01 3.67 8.38
CA ASN A 114 1.65 5.08 8.48
C ASN A 114 0.24 5.25 9.00
N ALA A 115 -0.70 4.44 8.50
CA ALA A 115 -2.09 4.61 8.89
C ALA A 115 -2.32 4.16 10.33
N TRP A 116 -1.64 3.10 10.75
CA TRP A 116 -1.76 2.66 12.14
C TRP A 116 -1.11 3.65 13.09
N LEU A 117 -0.11 4.39 12.62
CA LEU A 117 0.55 5.39 13.44
C LEU A 117 -0.31 6.63 13.60
N TYR A 118 -0.83 7.14 12.48
CA TYR A 118 -1.51 8.43 12.50
C TYR A 118 -2.92 8.33 13.07
N ASN A 119 -3.66 7.31 12.69
CA ASN A 119 -5.09 7.27 12.97
C ASN A 119 -5.35 6.54 14.29
N ARG A 120 -6.44 6.92 14.95
N ARG A 120 -6.42 6.95 14.98
CA ARG A 120 -6.82 6.32 16.22
CA ARG A 120 -6.78 6.33 16.25
C ARG A 120 -7.42 4.93 16.01
C ARG A 120 -7.39 4.94 16.02
N LYS A 121 -7.24 4.08 17.03
CA LYS A 121 -7.69 2.69 16.93
C LYS A 121 -9.17 2.56 16.62
N THR A 122 -9.97 3.56 17.00
CA THR A 122 -11.41 3.53 16.78
C THR A 122 -11.82 4.10 15.43
N SER A 123 -10.88 4.64 14.66
CA SER A 123 -11.24 5.35 13.44
C SER A 123 -11.48 4.40 12.26
N ARG A 124 -12.26 4.91 11.28
CA ARG A 124 -12.48 4.16 10.04
C ARG A 124 -11.16 3.82 9.36
N VAL A 125 -10.28 4.81 9.21
CA VAL A 125 -9.06 4.56 8.46
C VAL A 125 -8.23 3.47 9.12
N TYR A 126 -8.13 3.50 10.45
CA TYR A 126 -7.34 2.48 11.13
C TYR A 126 -7.93 1.09 10.92
N LYS A 127 -9.25 0.96 11.09
CA LYS A 127 -9.86 -0.36 10.92
C LYS A 127 -9.82 -0.81 9.46
N PHE A 128 -9.99 0.13 8.52
CA PHE A 128 -9.86 -0.24 7.11
C PHE A 128 -8.44 -0.69 6.78
N CYS A 129 -7.45 -0.02 7.38
CA CYS A 129 -6.06 -0.45 7.21
C CYS A 129 -5.88 -1.89 7.67
N SER A 130 -6.44 -2.23 8.84
CA SER A 130 -6.30 -3.59 9.33
C SER A 130 -6.90 -4.60 8.36
N LYS A 131 -8.03 -4.26 7.75
CA LYS A 131 -8.63 -5.16 6.77
C LYS A 131 -7.72 -5.31 5.55
N LEU A 132 -7.18 -4.20 5.04
CA LEU A 132 -6.30 -4.30 3.88
C LEU A 132 -5.06 -5.13 4.19
N ALA A 133 -4.53 -5.01 5.41
CA ALA A 133 -3.32 -5.78 5.74
C ALA A 133 -3.63 -7.27 5.79
N GLU A 134 -4.82 -7.63 6.23
CA GLU A 134 -5.24 -9.03 6.21
C GLU A 134 -5.31 -9.53 4.77
N VAL A 135 -5.95 -8.75 3.90
CA VAL A 135 -6.10 -9.16 2.50
C VAL A 135 -4.73 -9.25 1.83
N PHE A 136 -3.88 -8.25 2.07
CA PHE A 136 -2.57 -8.28 1.43
C PHE A 136 -1.76 -9.50 1.87
N GLU A 137 -1.78 -9.81 3.16
CA GLU A 137 -1.04 -10.98 3.63
C GLU A 137 -1.48 -12.24 2.90
N GLN A 138 -2.79 -12.37 2.68
N GLN A 138 -2.79 -12.42 2.69
CA GLN A 138 -3.33 -13.56 2.03
CA GLN A 138 -3.26 -13.64 2.03
C GLN A 138 -2.85 -13.68 0.59
C GLN A 138 -2.78 -13.69 0.57
N GLU A 139 -2.80 -12.56 -0.12
CA GLU A 139 -2.47 -12.56 -1.54
C GLU A 139 -0.97 -12.59 -1.79
N ILE A 140 -0.16 -11.95 -0.96
CA ILE A 140 1.26 -11.84 -1.25
C ILE A 140 1.99 -13.15 -0.99
N ASP A 141 1.52 -13.96 -0.03
CA ASP A 141 2.20 -15.22 0.30
C ASP A 141 2.37 -16.13 -0.92
N PRO A 142 1.31 -16.54 -1.65
CA PRO A 142 1.55 -17.44 -2.79
C PRO A 142 2.34 -16.80 -3.89
N VAL A 143 2.27 -15.47 -4.00
CA VAL A 143 3.02 -14.77 -5.05
C VAL A 143 4.51 -14.83 -4.74
N MET A 144 4.88 -14.65 -3.47
CA MET A 144 6.29 -14.74 -3.13
C MET A 144 6.82 -16.14 -3.38
N GLN A 145 5.99 -17.16 -3.14
CA GLN A 145 6.36 -18.52 -3.47
C GLN A 145 6.64 -18.69 -4.95
N SER A 146 5.81 -18.07 -5.79
CA SER A 146 5.99 -18.20 -7.24
C SER A 146 7.22 -17.44 -7.73
N LEU A 147 7.58 -16.36 -7.06
CA LEU A 147 8.77 -15.60 -7.45
C LEU A 147 10.04 -16.23 -6.89
C7 9U7 B . -7.89 10.51 6.76
C9 9U7 B . -9.15 10.17 4.96
C2 9U7 B . -4.80 8.06 6.04
C6 9U7 B . -6.74 10.52 7.71
C1 9U7 B . -4.87 6.96 5.02
C12 9U7 B . -9.58 11.66 8.22
C14 9U7 B . -10.13 13.08 7.94
C15 9U7 B . -11.58 13.02 8.50
C17 9U7 B . -10.82 10.90 8.71
C19 9U7 B . -8.85 10.09 2.49
C20 9U7 B . -9.84 10.47 1.39
C21 9U7 B . -10.73 9.26 1.11
C22 9U7 B . -11.38 8.73 2.37
C23 9U7 B . -10.81 8.99 3.60
C24 9U7 B . -11.44 8.47 4.74
C25 9U7 B . -12.58 7.70 4.65
C26 9U7 B . -13.15 7.42 3.41
C27 9U7 B . -12.52 7.95 2.26
C28 9U7 B . -14.39 6.59 3.29
C29 9U7 B . -15.10 6.37 2.09
C32 9U7 B . -15.05 5.89 4.27
C33 9U7 B . -17.12 4.43 4.36
C34 9U7 B . -6.63 9.31 4.88
C5 9U7 B . -5.47 10.20 6.94
C8 9U7 B . -7.87 9.97 5.50
N10 9U7 B . -9.89 10.80 5.86
N11 9U7 B . -9.11 11.02 7.00
N18 9U7 B . -9.63 9.77 3.70
N30 9U7 B . -16.13 5.60 2.33
N31 9U7 B . -16.13 5.28 3.69
N4 9U7 B . -5.63 9.14 5.95
O16 9U7 B . -11.97 11.65 8.31
O3 9U7 B . -4.01 8.02 6.98
#